data_5L6F
#
_entry.id   5L6F
#
_cell.length_a   123.591
_cell.length_b   59.226
_cell.length_c   68.502
_cell.angle_alpha   90.00
_cell.angle_beta   90.76
_cell.angle_gamma   90.00
#
_symmetry.space_group_name_H-M   'C 1 2 1'
#
loop_
_entity.id
_entity.type
_entity.pdbx_description
1 polymer 'FAD linked oxidase-like protein'
2 branched 2-acetamido-2-deoxy-beta-D-glucopyranose-(1-4)-2-acetamido-2-deoxy-beta-D-glucopyranose
3 branched beta-D-xylopyranose-(1-4)-beta-D-xylopyranose
4 non-polymer 'FLAVIN-ADENINE DINUCLEOTIDE'
5 non-polymer 2-acetamido-2-deoxy-beta-D-glucopyranose
6 non-polymer DI(HYDROXYETHYL)ETHER
7 water water
#
_entity_poly.entity_id   1
_entity_poly.type   'polypeptide(L)'
_entity_poly.pdbx_seq_one_letter_code
;MHLLPLTVSATAVVSAASSPHAKRAAIDECLKNAKVPVTARNSTEWKTDASPFNDRLPYTPAAIAKPATVEHIQAAVLCA
AEVGVKANPKSGGHSYASFGLGGEDGHLVVELDRMYNVTLDPETHIATVQPGARLGHIATVLYEEGKRAFSHGTCPGVGV
GGHSLHGGFGFSSHSHGLAVDWITSADVVLANGSLVTASETENPDLFWALRGAGSNFGIVASFRFKTFAAPPNVTSYEIN
LPWTNSSNVVKGWGALQEWLLNGGMPEEMNMRVLGNAFQTQLQGLYHGNASALKTAIQPLLALLDANLSSVQEHDWMEGF
RHYAYSGEIDITDPGYDQSETFYSKSLVTSALPPDVLERVAEYWIETANKVRRSWYIIIDMYGGPNSAVTRVPPGAGSYA
FRDPERHLFLYELYDRSFGPYPDDGFAFLDGWVHAFTGGLDSSDWGMYINYADPGLDRAEAQEVYYRQNLDRLRRIKQQL
DPTELFYYPQAVEPAEV
;
_entity_poly.pdbx_strand_id   A
#
# COMPACT_ATOMS: atom_id res chain seq x y z
N ALA A 25 12.65 -15.32 -27.99
CA ALA A 25 11.24 -15.65 -28.33
C ALA A 25 10.58 -14.48 -29.03
N ALA A 26 9.31 -14.68 -29.42
CA ALA A 26 8.59 -13.65 -30.15
C ALA A 26 8.52 -12.32 -29.40
N ILE A 27 8.30 -12.35 -28.10
CA ILE A 27 8.22 -11.11 -27.33
C ILE A 27 9.54 -10.35 -27.44
N ASP A 28 10.66 -11.08 -27.40
CA ASP A 28 11.97 -10.43 -27.45
C ASP A 28 12.21 -9.77 -28.80
N GLU A 29 11.81 -10.45 -29.87
CA GLU A 29 11.96 -9.94 -31.20
C GLU A 29 11.05 -8.73 -31.43
N CYS A 30 9.85 -8.76 -30.86
CA CYS A 30 8.93 -7.61 -31.01
C CYS A 30 9.48 -6.35 -30.34
N LEU A 31 9.93 -6.52 -29.10
CA LEU A 31 10.52 -5.42 -28.36
C LEU A 31 11.74 -4.84 -29.08
N LYS A 32 12.59 -5.70 -29.62
CA LYS A 32 13.78 -5.26 -30.36
C LYS A 32 13.39 -4.43 -31.58
N ASN A 33 12.48 -4.96 -32.39
CA ASN A 33 12.05 -4.25 -33.63
CA ASN A 33 12.08 -4.27 -33.63
C ASN A 33 11.38 -2.94 -33.29
N ALA A 34 10.69 -2.90 -32.14
CA ALA A 34 10.02 -1.69 -31.67
C ALA A 34 10.94 -0.72 -30.94
N LYS A 35 12.24 -1.05 -30.85
CA LYS A 35 13.25 -0.22 -30.19
C LYS A 35 12.93 0.06 -28.71
N VAL A 36 12.34 -0.93 -28.03
CA VAL A 36 12.11 -0.84 -26.59
C VAL A 36 13.36 -1.37 -25.87
N PRO A 37 13.93 -0.57 -24.96
CA PRO A 37 15.05 -1.06 -24.15
C PRO A 37 14.60 -2.23 -23.28
N VAL A 38 15.48 -3.23 -23.13
CA VAL A 38 15.15 -4.39 -22.31
C VAL A 38 16.34 -4.80 -21.45
N THR A 39 16.03 -5.60 -20.43
CA THR A 39 17.07 -6.30 -19.69
C THR A 39 17.16 -7.71 -20.24
N ALA A 40 18.28 -8.03 -20.86
CA ALA A 40 18.50 -9.34 -21.45
C ALA A 40 18.59 -10.43 -20.39
N ARG A 41 18.12 -11.63 -20.75
CA ARG A 41 18.11 -12.77 -19.85
C ARG A 41 19.52 -13.13 -19.36
N ASN A 42 20.50 -12.99 -20.24
CA ASN A 42 21.90 -13.34 -19.91
C ASN A 42 22.69 -12.17 -19.31
N SER A 43 22.04 -11.05 -18.98
CA SER A 43 22.73 -9.89 -18.40
C SER A 43 22.83 -9.98 -16.88
N THR A 44 23.70 -9.15 -16.30
CA THR A 44 23.83 -9.01 -14.85
C THR A 44 22.59 -8.40 -14.22
N GLU A 45 21.92 -7.54 -14.97
CA GLU A 45 20.77 -6.80 -14.46
C GLU A 45 19.51 -7.64 -14.41
N TRP A 46 19.51 -8.82 -15.02
CA TRP A 46 18.32 -9.65 -15.02
C TRP A 46 17.94 -10.00 -13.58
N LYS A 47 18.94 -10.39 -12.80
CA LYS A 47 18.73 -10.85 -11.43
C LYS A 47 18.07 -9.75 -10.59
N THR A 48 18.60 -8.55 -10.66
CA THR A 48 18.03 -7.42 -9.95
C THR A 48 16.65 -7.08 -10.46
N ASP A 49 16.52 -6.90 -11.77
CA ASP A 49 15.21 -6.49 -12.32
C ASP A 49 14.12 -7.55 -12.11
N ALA A 50 14.47 -8.84 -12.12
CA ALA A 50 13.47 -9.91 -11.90
C ALA A 50 13.19 -10.29 -10.46
N SER A 51 13.99 -9.79 -9.52
N SER A 51 13.98 -9.77 -9.54
CA SER A 51 13.95 -10.32 -8.15
CA SER A 51 13.91 -10.20 -8.16
C SER A 51 12.83 -9.69 -7.38
C SER A 51 12.61 -9.72 -7.56
N PRO A 52 12.04 -10.50 -6.64
CA PRO A 52 10.88 -10.04 -5.88
C PRO A 52 11.31 -9.26 -4.64
N PHE A 53 10.38 -8.58 -3.98
CA PHE A 53 10.61 -8.09 -2.62
C PHE A 53 10.45 -9.28 -1.66
N ASN A 54 9.43 -10.09 -1.92
CA ASN A 54 9.18 -11.29 -1.15
C ASN A 54 9.93 -12.46 -1.77
N ASP A 55 11.04 -12.84 -1.14
CA ASP A 55 11.86 -13.96 -1.61
C ASP A 55 11.15 -15.31 -1.60
N ARG A 56 10.00 -15.36 -0.93
CA ARG A 56 9.20 -16.57 -0.97
C ARG A 56 8.56 -16.76 -2.34
N LEU A 57 8.47 -15.70 -3.14
CA LEU A 57 7.71 -15.70 -4.38
C LEU A 57 8.46 -15.13 -5.58
N PRO A 58 9.54 -15.80 -6.02
CA PRO A 58 10.17 -15.39 -7.23
C PRO A 58 9.36 -15.89 -8.41
N TYR A 59 9.37 -15.11 -9.48
CA TYR A 59 8.81 -15.56 -10.74
C TYR A 59 9.77 -15.23 -11.87
N THR A 60 9.73 -16.02 -12.93
CA THR A 60 10.56 -15.80 -14.11
C THR A 60 9.74 -15.15 -15.23
N PRO A 61 9.99 -13.86 -15.48
CA PRO A 61 9.27 -13.15 -16.55
C PRO A 61 9.60 -13.68 -17.94
N ALA A 62 8.69 -13.49 -18.87
CA ALA A 62 8.97 -13.77 -20.28
C ALA A 62 10.09 -12.86 -20.77
N ALA A 63 10.03 -11.61 -20.35
CA ALA A 63 10.99 -10.58 -20.76
C ALA A 63 10.80 -9.40 -19.82
N ILE A 64 11.79 -8.54 -19.79
CA ILE A 64 11.74 -7.33 -18.97
C ILE A 64 12.04 -6.12 -19.84
N ALA A 65 11.01 -5.35 -20.13
CA ALA A 65 11.17 -4.06 -20.80
C ALA A 65 11.60 -3.04 -19.75
N LYS A 66 12.44 -2.11 -20.19
CA LYS A 66 13.09 -1.15 -19.34
C LYS A 66 12.85 0.26 -19.92
N PRO A 67 11.60 0.72 -19.93
CA PRO A 67 11.28 1.98 -20.60
C PRO A 67 11.94 3.20 -19.94
N ALA A 68 12.37 4.13 -20.77
CA ALA A 68 12.76 5.47 -20.35
C ALA A 68 11.72 6.54 -20.71
N THR A 69 10.68 6.18 -21.46
N THR A 69 10.68 6.15 -21.46
CA THR A 69 9.62 7.12 -21.78
CA THR A 69 9.72 7.06 -22.06
C THR A 69 8.32 6.40 -22.01
C THR A 69 8.33 6.39 -22.09
N VAL A 70 7.25 7.17 -21.99
CA VAL A 70 5.91 6.64 -22.22
C VAL A 70 5.82 5.90 -23.57
N GLU A 71 6.54 6.39 -24.57
CA GLU A 71 6.58 5.72 -25.88
C GLU A 71 7.03 4.26 -25.75
N HIS A 72 8.05 4.03 -24.92
CA HIS A 72 8.51 2.67 -24.69
C HIS A 72 7.46 1.83 -24.00
N ILE A 73 6.72 2.45 -23.07
CA ILE A 73 5.66 1.73 -22.37
C ILE A 73 4.58 1.33 -23.37
N GLN A 74 4.20 2.25 -24.26
CA GLN A 74 3.19 1.95 -25.28
C GLN A 74 3.62 0.81 -26.18
N ALA A 75 4.85 0.90 -26.66
CA ALA A 75 5.38 -0.12 -27.56
C ALA A 75 5.48 -1.49 -26.89
N ALA A 76 5.88 -1.52 -25.63
CA ALA A 76 5.96 -2.77 -24.88
C ALA A 76 4.58 -3.41 -24.73
N VAL A 77 3.61 -2.60 -24.36
CA VAL A 77 2.25 -3.07 -24.22
C VAL A 77 1.73 -3.62 -25.56
N LEU A 78 1.98 -2.88 -26.63
CA LEU A 78 1.52 -3.34 -27.94
C LEU A 78 2.16 -4.66 -28.32
N CYS A 79 3.42 -4.84 -27.95
CA CYS A 79 4.13 -6.07 -28.24
C CYS A 79 3.51 -7.26 -27.52
N ALA A 80 3.19 -7.08 -26.23
CA ALA A 80 2.51 -8.11 -25.47
C ALA A 80 1.19 -8.49 -26.14
N ALA A 81 0.40 -7.50 -26.53
CA ALA A 81 -0.85 -7.76 -27.22
C ALA A 81 -0.65 -8.49 -28.55
N GLU A 82 0.31 -8.04 -29.37
CA GLU A 82 0.50 -8.66 -30.68
C GLU A 82 0.99 -10.10 -30.55
N VAL A 83 1.97 -10.30 -29.67
CA VAL A 83 2.59 -11.60 -29.45
C VAL A 83 1.68 -12.58 -28.69
N GLY A 84 0.88 -12.07 -27.76
CA GLY A 84 -0.05 -12.89 -26.99
C GLY A 84 0.52 -13.31 -25.67
N VAL A 85 1.17 -12.39 -24.95
CA VAL A 85 1.58 -12.64 -23.57
C VAL A 85 0.94 -11.59 -22.68
N LYS A 86 0.85 -11.91 -21.39
CA LYS A 86 0.37 -10.95 -20.42
C LYS A 86 1.49 -9.96 -20.08
N ALA A 87 1.10 -8.77 -19.61
CA ALA A 87 2.05 -7.72 -19.23
C ALA A 87 1.67 -7.07 -17.92
N ASN A 88 2.65 -6.75 -17.10
CA ASN A 88 2.40 -6.05 -15.84
C ASN A 88 3.50 -5.05 -15.59
N PRO A 89 3.11 -3.85 -15.10
CA PRO A 89 4.08 -2.88 -14.68
C PRO A 89 4.67 -3.23 -13.32
N LYS A 90 5.95 -2.95 -13.17
CA LYS A 90 6.63 -3.05 -11.87
C LYS A 90 7.30 -1.72 -11.57
N SER A 91 6.86 -1.11 -10.48
CA SER A 91 7.31 0.22 -10.09
C SER A 91 8.37 0.04 -9.01
N GLY A 92 7.97 -0.16 -7.76
CA GLY A 92 8.93 -0.44 -6.67
C GLY A 92 9.22 -1.90 -6.39
N GLY A 93 8.41 -2.79 -6.94
CA GLY A 93 8.53 -4.22 -6.73
C GLY A 93 8.09 -4.73 -5.36
N HIS A 94 7.41 -3.90 -4.57
CA HIS A 94 7.05 -4.27 -3.18
C HIS A 94 5.84 -5.15 -2.98
N SER A 95 5.15 -5.52 -4.06
CA SER A 95 3.98 -6.37 -3.89
C SER A 95 4.32 -7.56 -3.01
N TYR A 96 3.51 -7.80 -1.99
CA TYR A 96 3.69 -8.94 -1.11
C TYR A 96 3.45 -10.29 -1.79
N ALA A 97 2.79 -10.26 -2.94
CA ALA A 97 2.53 -11.44 -3.77
C ALA A 97 3.32 -11.45 -5.07
N SER A 98 4.26 -10.52 -5.23
CA SER A 98 5.04 -10.39 -6.46
C SER A 98 4.18 -10.20 -7.68
N PHE A 99 3.07 -9.47 -7.53
CA PHE A 99 2.21 -9.22 -8.68
C PHE A 99 2.82 -8.31 -9.75
N GLY A 100 3.84 -7.53 -9.38
CA GLY A 100 4.58 -6.69 -10.33
C GLY A 100 5.35 -7.54 -11.32
N LEU A 101 5.69 -8.77 -10.89
CA LEU A 101 6.30 -9.76 -11.77
C LEU A 101 5.26 -10.57 -12.57
N GLY A 102 3.99 -10.37 -12.27
CA GLY A 102 2.88 -11.08 -12.90
C GLY A 102 2.19 -12.08 -12.00
N GLY A 103 2.76 -12.37 -10.83
CA GLY A 103 2.19 -13.36 -9.90
C GLY A 103 2.25 -14.82 -10.36
N GLU A 104 2.99 -15.03 -11.45
CA GLU A 104 3.21 -16.33 -12.05
C GLU A 104 4.31 -16.13 -13.08
N ASP A 105 4.89 -17.22 -13.59
CA ASP A 105 5.91 -17.11 -14.61
C ASP A 105 5.32 -16.65 -15.93
N GLY A 106 6.17 -16.03 -16.75
CA GLY A 106 5.95 -15.87 -18.16
C GLY A 106 5.24 -14.64 -18.63
N HIS A 107 5.21 -13.59 -17.82
CA HIS A 107 4.63 -12.32 -18.25
C HIS A 107 5.74 -11.39 -18.71
N LEU A 108 5.38 -10.46 -19.59
CA LEU A 108 6.23 -9.30 -19.86
C LEU A 108 6.16 -8.38 -18.66
N VAL A 109 7.31 -8.10 -18.06
CA VAL A 109 7.40 -7.16 -16.97
C VAL A 109 7.89 -5.85 -17.51
N VAL A 110 7.09 -4.82 -17.32
CA VAL A 110 7.47 -3.48 -17.70
C VAL A 110 8.07 -2.79 -16.48
N GLU A 111 9.38 -2.88 -16.38
CA GLU A 111 10.11 -2.38 -15.23
C GLU A 111 10.24 -0.88 -15.36
N LEU A 112 9.69 -0.15 -14.41
CA LEU A 112 9.54 1.32 -14.49
C LEU A 112 10.57 2.09 -13.67
N ASP A 113 11.52 1.42 -13.04
CA ASP A 113 12.37 2.13 -12.09
C ASP A 113 13.52 2.95 -12.65
N ARG A 114 13.68 2.98 -13.96
CA ARG A 114 14.54 3.95 -14.59
C ARG A 114 13.77 5.27 -14.82
N MET A 115 12.46 5.27 -14.56
CA MET A 115 11.64 6.45 -14.69
C MET A 115 11.19 6.95 -13.30
N TYR A 116 12.01 7.79 -12.68
CA TYR A 116 11.78 8.20 -11.29
C TYR A 116 11.84 9.70 -11.04
N ASN A 117 11.77 10.49 -12.11
CA ASN A 117 11.87 11.93 -11.95
C ASN A 117 10.66 12.52 -11.24
N VAL A 118 10.94 13.51 -10.41
CA VAL A 118 9.92 14.24 -9.67
C VAL A 118 10.13 15.73 -9.95
N THR A 119 9.12 16.38 -10.48
CA THR A 119 9.17 17.80 -10.81
C THR A 119 8.11 18.50 -9.99
N LEU A 120 8.49 19.57 -9.31
CA LEU A 120 7.53 20.35 -8.52
C LEU A 120 7.35 21.71 -9.16
N ASP A 121 6.11 22.03 -9.51
CA ASP A 121 5.79 23.35 -10.05
C ASP A 121 5.76 24.34 -8.88
N PRO A 122 6.64 25.37 -8.91
CA PRO A 122 6.60 26.38 -7.84
C PRO A 122 5.28 27.16 -7.72
N GLU A 123 4.48 27.19 -8.77
CA GLU A 123 3.25 28.00 -8.80
C GLU A 123 2.06 27.22 -8.21
N THR A 124 1.75 26.08 -8.82
CA THR A 124 0.58 25.30 -8.44
C THR A 124 0.90 24.34 -7.28
N HIS A 125 2.19 24.15 -7.00
CA HIS A 125 2.65 23.12 -6.05
C HIS A 125 2.23 21.71 -6.44
N ILE A 126 1.95 21.49 -7.72
CA ILE A 126 1.63 20.16 -8.24
C ILE A 126 2.94 19.43 -8.60
N ALA A 127 3.08 18.19 -8.15
CA ALA A 127 4.25 17.39 -8.47
C ALA A 127 3.97 16.46 -9.65
N THR A 128 4.81 16.51 -10.68
CA THR A 128 4.78 15.50 -11.72
C THR A 128 5.75 14.39 -11.39
N VAL A 129 5.24 13.17 -11.29
CA VAL A 129 5.98 12.08 -10.68
C VAL A 129 5.96 10.90 -11.65
N GLN A 130 7.13 10.51 -12.13
CA GLN A 130 7.26 9.34 -12.96
C GLN A 130 6.95 8.08 -12.13
N PRO A 131 6.44 7.05 -12.80
CA PRO A 131 5.79 5.95 -12.13
C PRO A 131 6.71 4.94 -11.44
N GLY A 132 8.03 5.05 -11.66
CA GLY A 132 9.00 4.26 -10.91
C GLY A 132 9.66 4.99 -9.76
N ALA A 133 9.20 6.21 -9.44
CA ALA A 133 9.74 6.92 -8.28
C ALA A 133 9.33 6.25 -6.97
N ARG A 134 10.30 6.11 -6.06
CA ARG A 134 10.04 5.49 -4.77
C ARG A 134 9.75 6.56 -3.74
N LEU A 135 9.05 6.19 -2.68
CA LEU A 135 8.48 7.15 -1.76
C LEU A 135 9.53 8.05 -1.13
N GLY A 136 10.68 7.48 -0.73
CA GLY A 136 11.76 8.26 -0.12
C GLY A 136 12.32 9.33 -1.03
N HIS A 137 12.41 8.99 -2.32
CA HIS A 137 12.87 9.94 -3.31
C HIS A 137 11.84 11.03 -3.51
N ILE A 138 10.56 10.65 -3.57
CA ILE A 138 9.49 11.64 -3.69
C ILE A 138 9.49 12.61 -2.49
N ALA A 139 9.46 12.05 -1.28
CA ALA A 139 9.47 12.85 -0.07
C ALA A 139 10.67 13.80 -0.05
N THR A 140 11.83 13.29 -0.42
CA THR A 140 13.05 14.12 -0.40
C THR A 140 12.96 15.30 -1.36
N VAL A 141 12.56 15.04 -2.59
CA VAL A 141 12.52 16.11 -3.61
C VAL A 141 11.47 17.14 -3.25
N LEU A 142 10.27 16.72 -2.87
CA LEU A 142 9.24 17.67 -2.55
C LEU A 142 9.63 18.56 -1.37
N TYR A 143 10.27 17.98 -0.36
CA TYR A 143 10.67 18.77 0.79
C TYR A 143 11.84 19.69 0.45
N GLU A 144 12.86 19.16 -0.20
CA GLU A 144 14.05 19.93 -0.54
C GLU A 144 13.77 21.07 -1.52
N GLU A 145 12.83 20.87 -2.43
CA GLU A 145 12.55 21.91 -3.44
C GLU A 145 11.55 22.96 -3.02
N GLY A 146 10.55 22.59 -2.22
CA GLY A 146 9.57 23.58 -1.80
C GLY A 146 8.96 23.35 -0.43
N LYS A 147 9.60 22.53 0.42
CA LYS A 147 9.01 22.13 1.70
C LYS A 147 7.56 21.66 1.55
N ARG A 148 7.31 20.81 0.58
CA ARG A 148 5.99 20.28 0.33
C ARG A 148 6.00 18.78 0.62
N ALA A 149 4.81 18.22 0.65
CA ALA A 149 4.63 16.78 0.84
C ALA A 149 3.26 16.36 0.33
N PHE A 150 3.11 15.06 0.12
CA PHE A 150 1.78 14.48 0.15
C PHE A 150 1.75 13.31 1.12
N SER A 151 0.56 12.77 1.36
CA SER A 151 0.42 11.70 2.34
C SER A 151 0.74 10.35 1.71
N HIS A 152 1.72 9.66 2.28
CA HIS A 152 2.05 8.33 1.78
C HIS A 152 2.60 7.45 2.89
N GLY A 153 2.91 6.21 2.53
CA GLY A 153 3.37 5.22 3.45
C GLY A 153 4.75 5.48 3.98
N THR A 154 5.12 4.66 4.96
CA THR A 154 6.44 4.63 5.51
C THR A 154 7.13 3.69 4.53
N CYS A 155 8.44 3.68 4.48
CA CYS A 155 9.08 2.69 3.63
C CYS A 155 9.58 3.41 2.38
N PRO A 156 10.83 3.86 2.44
CA PRO A 156 11.39 4.68 1.35
C PRO A 156 11.51 3.95 0.04
N GLY A 157 11.57 2.63 0.05
CA GLY A 157 11.78 1.86 -1.18
C GLY A 157 10.54 1.50 -1.97
N VAL A 158 9.37 1.78 -1.40
CA VAL A 158 8.12 1.47 -2.02
C VAL A 158 7.89 2.34 -3.25
N GLY A 159 7.36 1.72 -4.31
CA GLY A 159 7.14 2.43 -5.55
C GLY A 159 5.86 3.22 -5.47
N VAL A 160 5.84 4.41 -6.06
CA VAL A 160 4.61 5.19 -6.10
C VAL A 160 3.49 4.50 -6.91
N GLY A 161 3.89 3.68 -7.89
CA GLY A 161 2.94 3.03 -8.79
C GLY A 161 1.94 2.10 -8.10
N GLY A 162 2.45 1.08 -7.42
CA GLY A 162 1.55 0.19 -6.71
C GLY A 162 0.94 0.85 -5.50
N HIS A 163 1.73 1.66 -4.80
CA HIS A 163 1.27 2.23 -3.54
C HIS A 163 0.06 3.15 -3.75
N SER A 164 0.20 4.14 -4.62
CA SER A 164 -0.84 5.16 -4.77
C SER A 164 -2.06 4.68 -5.50
N LEU A 165 -1.92 3.64 -6.32
CA LEU A 165 -3.07 3.16 -7.08
C LEU A 165 -4.00 2.24 -6.29
N HIS A 166 -3.59 1.83 -5.10
CA HIS A 166 -4.45 0.97 -4.29
C HIS A 166 -4.72 1.49 -2.89
N GLY A 167 -4.30 2.71 -2.61
CA GLY A 167 -4.57 3.33 -1.29
C GLY A 167 -3.35 4.10 -0.85
N GLY A 168 -2.68 3.60 0.19
CA GLY A 168 -1.42 4.15 0.64
C GLY A 168 -1.56 4.92 1.95
N PHE A 169 -1.28 4.22 3.06
CA PHE A 169 -1.54 4.70 4.41
C PHE A 169 -0.22 4.89 5.18
N GLY A 170 -0.05 6.06 5.80
CA GLY A 170 1.11 6.28 6.66
C GLY A 170 0.85 7.25 7.79
N PHE A 171 1.94 7.82 8.32
CA PHE A 171 1.88 8.65 9.51
C PHE A 171 1.43 10.09 9.25
N SER A 172 0.91 10.34 8.05
CA SER A 172 0.15 11.56 7.76
C SER A 172 -1.30 11.29 7.34
N SER A 173 -1.76 10.05 7.42
CA SER A 173 -3.05 9.68 6.81
C SER A 173 -4.27 10.13 7.63
N HIS A 174 -4.17 10.09 8.95
CA HIS A 174 -5.26 10.64 9.73
C HIS A 174 -5.42 12.12 9.43
N SER A 175 -4.29 12.83 9.33
CA SER A 175 -4.28 14.25 9.02
C SER A 175 -4.67 14.59 7.58
N HIS A 176 -4.23 13.77 6.62
CA HIS A 176 -4.25 14.17 5.20
C HIS A 176 -4.71 13.13 4.20
N GLY A 177 -5.09 11.95 4.67
CA GLY A 177 -5.67 10.92 3.79
C GLY A 177 -4.66 9.93 3.23
N LEU A 178 -5.09 9.21 2.22
CA LEU A 178 -4.28 8.18 1.61
C LEU A 178 -3.48 8.76 0.45
N ALA A 179 -2.45 8.06 0.01
CA ALA A 179 -1.69 8.52 -1.16
C ALA A 179 -2.57 8.71 -2.38
N VAL A 180 -3.50 7.79 -2.57
CA VAL A 180 -4.45 7.87 -3.67
C VAL A 180 -5.26 9.18 -3.69
N ASP A 181 -5.49 9.78 -2.53
CA ASP A 181 -6.24 11.02 -2.41
C ASP A 181 -5.49 12.25 -2.89
N TRP A 182 -4.19 12.12 -3.18
CA TRP A 182 -3.39 13.25 -3.64
C TRP A 182 -3.16 13.21 -5.14
N ILE A 183 -3.63 12.16 -5.80
CA ILE A 183 -3.56 12.10 -7.25
C ILE A 183 -4.57 13.09 -7.82
N THR A 184 -4.10 13.99 -8.70
CA THR A 184 -4.98 14.91 -9.37
C THR A 184 -5.20 14.51 -10.86
N SER A 185 -4.22 13.85 -11.45
CA SER A 185 -4.38 13.27 -12.79
C SER A 185 -3.31 12.21 -13.05
N ALA A 186 -3.54 11.41 -14.08
CA ALA A 186 -2.61 10.35 -14.45
C ALA A 186 -2.68 10.13 -15.95
N ASP A 187 -1.53 9.88 -16.58
CA ASP A 187 -1.49 9.53 -17.98
C ASP A 187 -1.38 8.00 -18.04
N VAL A 188 -2.22 7.35 -18.83
CA VAL A 188 -2.31 5.91 -18.79
C VAL A 188 -2.13 5.34 -20.16
N VAL A 189 -1.34 4.29 -20.24
CA VAL A 189 -1.25 3.46 -21.45
C VAL A 189 -2.25 2.30 -21.34
N LEU A 190 -3.21 2.25 -22.25
CA LEU A 190 -4.22 1.21 -22.23
C LEU A 190 -3.70 -0.07 -22.91
N ALA A 191 -4.45 -1.16 -22.73
CA ALA A 191 -4.07 -2.49 -23.22
C ALA A 191 -3.85 -2.54 -24.73
N ASN A 192 -4.50 -1.64 -25.48
CA ASN A 192 -4.28 -1.56 -26.94
C ASN A 192 -3.29 -0.47 -27.34
N GLY A 193 -2.55 0.06 -26.38
CA GLY A 193 -1.50 1.02 -26.64
C GLY A 193 -1.97 2.47 -26.70
N SER A 194 -3.27 2.72 -26.61
CA SER A 194 -3.78 4.10 -26.56
C SER A 194 -3.31 4.83 -25.31
N LEU A 195 -3.12 6.14 -25.45
CA LEU A 195 -2.83 7.02 -24.32
C LEU A 195 -4.07 7.77 -23.91
N VAL A 196 -4.27 7.90 -22.60
CA VAL A 196 -5.36 8.73 -22.10
C VAL A 196 -4.85 9.44 -20.86
N THR A 197 -5.43 10.59 -20.58
CA THR A 197 -5.23 11.24 -19.29
C THR A 197 -6.55 11.08 -18.55
N ALA A 198 -6.45 10.69 -17.29
CA ALA A 198 -7.59 10.52 -16.41
C ALA A 198 -7.52 11.57 -15.28
N SER A 199 -8.64 12.21 -15.01
CA SER A 199 -8.76 13.19 -13.94
C SER A 199 -10.23 13.28 -13.56
N GLU A 200 -10.58 14.17 -12.64
CA GLU A 200 -11.99 14.34 -12.34
C GLU A 200 -12.82 14.82 -13.52
N THR A 201 -12.20 15.51 -14.47
CA THR A 201 -12.91 16.06 -15.60
C THR A 201 -12.62 15.37 -16.93
N GLU A 202 -11.85 14.30 -16.91
CA GLU A 202 -11.46 13.60 -18.14
C GLU A 202 -11.36 12.11 -17.86
N ASN A 203 -12.07 11.31 -18.65
CA ASN A 203 -12.18 9.86 -18.41
C ASN A 203 -12.51 9.56 -16.95
N PRO A 204 -13.59 10.17 -16.42
CA PRO A 204 -13.86 10.03 -14.99
C PRO A 204 -14.09 8.60 -14.51
N ASP A 205 -14.61 7.70 -15.36
CA ASP A 205 -14.75 6.30 -14.95
C ASP A 205 -13.39 5.67 -14.70
N LEU A 206 -12.45 5.93 -15.62
CA LEU A 206 -11.10 5.43 -15.48
C LEU A 206 -10.43 6.04 -14.27
N PHE A 207 -10.62 7.33 -14.06
CA PHE A 207 -10.03 7.99 -12.88
C PHE A 207 -10.55 7.36 -11.58
N TRP A 208 -11.84 7.05 -11.56
CA TRP A 208 -12.46 6.36 -10.42
C TRP A 208 -11.83 4.98 -10.21
N ALA A 209 -11.69 4.22 -11.30
CA ALA A 209 -11.14 2.87 -11.25
C ALA A 209 -9.67 2.85 -10.83
N LEU A 210 -8.89 3.78 -11.36
CA LEU A 210 -7.47 3.88 -10.97
C LEU A 210 -7.25 4.10 -9.49
N ARG A 211 -8.14 4.87 -8.87
CA ARG A 211 -7.98 5.33 -7.51
C ARG A 211 -8.45 4.32 -6.48
N GLY A 212 -7.79 3.17 -6.51
CA GLY A 212 -8.13 2.03 -5.67
C GLY A 212 -7.79 0.68 -6.26
N ALA A 213 -7.83 0.60 -7.59
CA ALA A 213 -7.68 -0.66 -8.30
C ALA A 213 -6.83 -0.53 -9.55
N GLY A 214 -5.92 0.42 -9.55
CA GLY A 214 -5.24 0.87 -10.77
C GLY A 214 -4.37 -0.13 -11.49
N SER A 215 -3.92 -1.17 -10.80
CA SER A 215 -3.18 -2.27 -11.45
C SER A 215 -3.96 -2.98 -12.56
N ASN A 216 -5.28 -2.77 -12.62
CA ASN A 216 -6.13 -3.55 -13.50
C ASN A 216 -6.48 -2.88 -14.82
N PHE A 217 -6.16 -1.60 -14.97
CA PHE A 217 -6.74 -0.84 -16.10
C PHE A 217 -5.79 -0.29 -17.13
N GLY A 218 -4.49 -0.42 -16.90
CA GLY A 218 -3.48 0.12 -17.79
C GLY A 218 -2.20 0.32 -17.02
N ILE A 219 -1.19 0.85 -17.70
CA ILE A 219 0.04 1.23 -17.02
C ILE A 219 0.01 2.75 -16.92
N VAL A 220 -0.01 3.26 -15.69
CA VAL A 220 0.14 4.69 -15.45
C VAL A 220 1.58 5.06 -15.78
N ALA A 221 1.72 6.02 -16.69
CA ALA A 221 3.00 6.45 -17.23
C ALA A 221 3.51 7.75 -16.62
N SER A 222 2.62 8.48 -15.94
CA SER A 222 2.96 9.70 -15.25
C SER A 222 1.83 10.01 -14.30
N PHE A 223 2.18 10.45 -13.10
CA PHE A 223 1.21 10.91 -12.10
C PHE A 223 1.38 12.42 -11.89
N ARG A 224 0.28 13.13 -11.62
CA ARG A 224 0.38 14.46 -11.03
C ARG A 224 -0.24 14.39 -9.66
N PHE A 225 0.49 14.87 -8.68
CA PHE A 225 0.05 14.89 -7.30
C PHE A 225 -0.07 16.32 -6.80
N LYS A 226 -1.20 16.65 -6.18
CA LYS A 226 -1.26 17.82 -5.32
C LYS A 226 -0.37 17.57 -4.09
N THR A 227 -0.03 18.66 -3.41
CA THR A 227 0.81 18.60 -2.22
C THR A 227 0.24 19.50 -1.13
N PHE A 228 0.69 19.26 0.09
CA PHE A 228 0.41 20.17 1.19
C PHE A 228 1.75 20.74 1.67
N ALA A 229 1.71 21.86 2.38
CA ALA A 229 2.92 22.46 2.95
C ALA A 229 3.34 21.59 4.13
N ALA A 230 4.58 21.11 4.12
CA ALA A 230 5.03 20.19 5.15
C ALA A 230 5.11 20.93 6.49
N PRO A 231 4.57 20.32 7.56
CA PRO A 231 4.68 21.02 8.84
C PRO A 231 6.15 21.16 9.24
N PRO A 232 6.51 22.30 9.86
CA PRO A 232 7.91 22.48 10.20
C PRO A 232 8.38 21.51 11.30
N ASN A 233 7.48 21.07 12.18
CA ASN A 233 7.83 20.13 13.22
C ASN A 233 6.80 19.02 13.36
N VAL A 234 7.29 17.80 13.56
CA VAL A 234 6.45 16.67 13.89
C VAL A 234 7.07 16.00 15.13
N THR A 235 6.25 15.32 15.91
CA THR A 235 6.70 14.72 17.16
C THR A 235 6.33 13.25 17.17
N SER A 236 7.33 12.38 17.14
CA SER A 236 7.08 10.95 17.30
C SER A 236 6.98 10.62 18.79
N TYR A 237 6.25 9.57 19.10
CA TYR A 237 6.05 9.18 20.52
C TYR A 237 5.54 7.76 20.54
N GLU A 238 5.63 7.16 21.73
CA GLU A 238 5.22 5.78 21.94
C GLU A 238 4.45 5.68 23.24
N ILE A 239 3.51 4.74 23.30
CA ILE A 239 2.83 4.42 24.54
C ILE A 239 2.86 2.91 24.67
N ASN A 240 3.63 2.42 25.65
CA ASN A 240 3.72 0.98 25.84
C ASN A 240 2.44 0.44 26.43
N LEU A 241 2.00 -0.72 25.93
CA LEU A 241 0.74 -1.28 26.36
C LEU A 241 1.00 -2.60 27.09
N PRO A 242 0.38 -2.80 28.25
CA PRO A 242 0.60 -4.01 29.06
C PRO A 242 -0.26 -5.17 28.55
N TRP A 243 -0.12 -5.49 27.27
CA TRP A 243 -0.98 -6.45 26.61
C TRP A 243 -0.37 -7.84 26.71
N THR A 244 -0.17 -8.31 27.93
CA THR A 244 0.51 -9.56 28.21
C THR A 244 -0.45 -10.68 28.60
N ASN A 245 -1.74 -10.37 28.73
CA ASN A 245 -2.72 -11.42 28.83
C ASN A 245 -3.99 -11.01 28.15
N SER A 246 -4.91 -11.95 27.97
CA SER A 246 -6.05 -11.70 27.12
C SER A 246 -6.94 -10.60 27.68
N SER A 247 -7.20 -10.62 28.98
CA SER A 247 -8.09 -9.61 29.56
C SER A 247 -7.54 -8.19 29.37
N ASN A 248 -6.23 -7.99 29.47
CA ASN A 248 -5.64 -6.68 29.25
C ASN A 248 -5.77 -6.22 27.80
N VAL A 249 -5.65 -7.15 26.86
CA VAL A 249 -5.84 -6.80 25.43
C VAL A 249 -7.27 -6.35 25.18
N VAL A 250 -8.21 -7.14 25.70
CA VAL A 250 -9.63 -6.85 25.51
C VAL A 250 -9.99 -5.48 26.08
N LYS A 251 -9.67 -5.25 27.34
CA LYS A 251 -10.03 -3.99 27.98
C LYS A 251 -9.34 -2.80 27.31
N GLY A 252 -8.08 -2.99 26.94
CA GLY A 252 -7.27 -1.92 26.31
C GLY A 252 -7.74 -1.53 24.94
N TRP A 253 -7.95 -2.54 24.09
CA TRP A 253 -8.49 -2.36 22.74
C TRP A 253 -9.93 -1.84 22.79
N GLY A 254 -10.73 -2.37 23.72
CA GLY A 254 -12.11 -1.91 23.85
C GLY A 254 -12.15 -0.41 24.20
N ALA A 255 -11.28 0.05 25.10
CA ALA A 255 -11.18 1.47 25.41
C ALA A 255 -10.67 2.29 24.23
N LEU A 256 -9.66 1.76 23.57
CA LEU A 256 -9.03 2.47 22.48
C LEU A 256 -10.01 2.70 21.34
N GLN A 257 -10.78 1.68 20.98
CA GLN A 257 -11.73 1.84 19.89
C GLN A 257 -12.88 2.76 20.23
N GLU A 258 -13.37 2.72 21.47
CA GLU A 258 -14.42 3.65 21.91
C GLU A 258 -13.85 5.09 21.83
N TRP A 259 -12.63 5.28 22.29
CA TRP A 259 -11.97 6.60 22.21
C TRP A 259 -11.89 7.11 20.77
N LEU A 260 -11.46 6.26 19.85
CA LEU A 260 -11.29 6.66 18.47
C LEU A 260 -12.64 6.96 17.85
N LEU A 261 -13.58 6.06 18.05
CA LEU A 261 -14.89 6.18 17.43
C LEU A 261 -15.65 7.42 17.93
N ASN A 262 -15.41 7.81 19.17
CA ASN A 262 -16.05 9.01 19.72
C ASN A 262 -15.29 10.32 19.52
N GLY A 263 -14.29 10.32 18.64
CA GLY A 263 -13.66 11.56 18.20
C GLY A 263 -12.53 11.98 19.10
N GLY A 264 -11.91 11.02 19.78
CA GLY A 264 -10.84 11.32 20.69
C GLY A 264 -9.53 11.71 20.00
N MET A 265 -9.35 11.27 18.76
CA MET A 265 -8.05 11.46 18.09
C MET A 265 -8.11 12.72 17.24
N PRO A 266 -7.31 13.73 17.56
CA PRO A 266 -7.41 14.96 16.78
C PRO A 266 -6.79 14.82 15.40
N GLU A 267 -7.15 15.72 14.52
CA GLU A 267 -6.71 15.66 13.14
C GLU A 267 -5.20 15.56 13.02
N GLU A 268 -4.47 16.24 13.89
CA GLU A 268 -3.02 16.33 13.82
C GLU A 268 -2.29 15.08 14.29
N MET A 269 -3.01 14.14 14.90
CA MET A 269 -2.41 12.95 15.46
C MET A 269 -2.59 11.77 14.51
N ASN A 270 -1.54 10.98 14.34
CA ASN A 270 -1.53 9.82 13.48
C ASN A 270 -0.88 8.71 14.28
N MET A 271 -1.51 7.55 14.33
CA MET A 271 -1.15 6.56 15.36
C MET A 271 -1.57 5.16 14.97
N ARG A 272 -0.86 4.18 15.51
CA ARG A 272 -1.11 2.78 15.27
C ARG A 272 -0.65 1.99 16.48
N VAL A 273 -1.20 0.79 16.62
CA VAL A 273 -0.66 -0.19 17.53
C VAL A 273 0.31 -1.05 16.73
N LEU A 274 1.52 -1.22 17.25
CA LEU A 274 2.47 -2.20 16.73
C LEU A 274 2.63 -3.26 17.81
N GLY A 275 2.25 -4.49 17.50
CA GLY A 275 2.46 -5.62 18.39
C GLY A 275 3.37 -6.68 17.78
N ASN A 276 4.18 -7.28 18.64
CA ASN A 276 4.90 -8.51 18.30
C ASN A 276 4.92 -9.35 19.59
N ALA A 277 5.58 -10.50 19.57
CA ALA A 277 5.52 -11.42 20.72
C ALA A 277 6.15 -10.84 21.97
N PHE A 278 6.95 -9.78 21.79
CA PHE A 278 7.83 -9.27 22.84
C PHE A 278 7.54 -7.86 23.36
N GLN A 279 6.73 -7.10 22.63
CA GLN A 279 6.32 -5.77 23.06
C GLN A 279 5.09 -5.35 22.27
N THR A 280 4.16 -4.65 22.93
CA THR A 280 3.05 -4.00 22.25
C THR A 280 3.05 -2.52 22.63
N GLN A 281 2.95 -1.65 21.63
CA GLN A 281 2.88 -0.22 21.92
C GLN A 281 2.10 0.54 20.87
N LEU A 282 1.55 1.68 21.28
CA LEU A 282 1.09 2.68 20.33
C LEU A 282 2.34 3.40 19.87
N GLN A 283 2.38 3.69 18.57
CA GLN A 283 3.40 4.51 17.94
C GLN A 283 2.67 5.60 17.20
N GLY A 284 3.13 6.82 17.38
CA GLY A 284 2.47 7.97 16.79
C GLY A 284 3.41 8.95 16.12
N LEU A 285 2.83 9.78 15.28
CA LEU A 285 3.46 10.96 14.76
C LEU A 285 2.43 12.08 14.85
N TYR A 286 2.74 13.09 15.66
CA TYR A 286 1.86 14.22 15.89
C TYR A 286 2.38 15.40 15.07
N HIS A 287 1.49 15.99 14.27
CA HIS A 287 1.84 17.11 13.41
C HIS A 287 1.79 18.42 14.22
N GLY A 288 2.83 18.59 15.01
CA GLY A 288 2.96 19.67 15.94
C GLY A 288 4.12 19.39 16.89
N ASN A 289 4.32 20.26 17.86
CA ASN A 289 5.45 20.13 18.77
C ASN A 289 5.10 19.28 19.99
N ALA A 290 6.07 19.07 20.86
CA ALA A 290 5.94 18.12 21.95
C ALA A 290 4.93 18.56 22.99
N SER A 291 4.91 19.85 23.32
CA SER A 291 3.96 20.37 24.32
C SER A 291 2.54 20.23 23.82
N ALA A 292 2.32 20.48 22.53
CA ALA A 292 1.00 20.33 21.92
C ALA A 292 0.58 18.86 21.91
N LEU A 293 1.51 17.96 21.62
CA LEU A 293 1.23 16.53 21.70
C LEU A 293 0.82 16.11 23.12
N LYS A 294 1.59 16.53 24.12
CA LYS A 294 1.29 16.13 25.48
C LYS A 294 -0.12 16.53 25.89
N THR A 295 -0.50 17.77 25.57
CA THR A 295 -1.86 18.24 25.82
C THR A 295 -2.91 17.40 25.09
N ALA A 296 -2.64 17.05 23.84
CA ALA A 296 -3.61 16.35 22.99
C ALA A 296 -3.82 14.89 23.39
N ILE A 297 -2.77 14.26 23.95
CA ILE A 297 -2.79 12.83 24.22
C ILE A 297 -3.25 12.53 25.67
N GLN A 298 -3.34 13.56 26.51
CA GLN A 298 -3.63 13.33 27.94
C GLN A 298 -4.93 12.56 28.18
N PRO A 299 -6.03 12.93 27.50
CA PRO A 299 -7.26 12.16 27.67
C PRO A 299 -7.13 10.64 27.43
N LEU A 300 -6.40 10.23 26.39
CA LEU A 300 -6.16 8.82 26.12
C LEU A 300 -5.32 8.16 27.19
N LEU A 301 -4.26 8.86 27.63
CA LEU A 301 -3.38 8.33 28.67
C LEU A 301 -4.18 8.05 29.95
N ALA A 302 -5.11 8.94 30.29
CA ALA A 302 -5.93 8.77 31.50
C ALA A 302 -6.88 7.59 31.31
N LEU A 303 -7.39 7.43 30.11
CA LEU A 303 -8.28 6.33 29.81
C LEU A 303 -7.58 4.97 29.83
N LEU A 304 -6.38 4.89 29.26
CA LEU A 304 -5.57 3.65 29.26
C LEU A 304 -4.72 3.45 30.52
N ASP A 305 -4.66 4.46 31.38
CA ASP A 305 -3.76 4.45 32.53
C ASP A 305 -2.34 4.10 32.09
N ALA A 306 -1.82 4.92 31.17
CA ALA A 306 -0.54 4.67 30.54
C ALA A 306 0.28 5.96 30.49
N ASN A 307 1.54 5.81 30.14
CA ASN A 307 2.45 6.93 30.06
C ASN A 307 3.03 7.06 28.69
N LEU A 308 3.35 8.30 28.31
CA LEU A 308 4.11 8.57 27.10
C LEU A 308 5.56 8.18 27.29
N SER A 309 6.18 7.66 26.25
CA SER A 309 7.62 7.48 26.24
C SER A 309 8.19 7.87 24.88
N SER A 310 9.51 8.02 24.86
CA SER A 310 10.25 8.31 23.63
C SER A 310 9.66 9.46 22.86
N VAL A 311 9.40 10.58 23.54
CA VAL A 311 8.87 11.75 22.84
C VAL A 311 10.04 12.43 22.15
N GLN A 312 9.95 12.57 20.83
CA GLN A 312 11.03 13.16 20.04
C GLN A 312 10.45 14.13 19.02
N GLU A 313 10.90 15.39 19.09
CA GLU A 313 10.52 16.38 18.08
C GLU A 313 11.48 16.29 16.89
N HIS A 314 10.94 16.48 15.69
CA HIS A 314 11.70 16.36 14.46
C HIS A 314 11.31 17.43 13.47
N ASP A 315 12.20 17.73 12.53
CA ASP A 315 11.76 18.38 11.28
C ASP A 315 11.02 17.35 10.43
N TRP A 316 10.42 17.79 9.32
CA TRP A 316 9.59 16.92 8.50
C TRP A 316 10.36 15.68 8.04
N MET A 317 11.59 15.87 7.54
CA MET A 317 12.30 14.73 6.96
C MET A 317 12.81 13.79 8.02
N GLU A 318 13.21 14.32 9.19
CA GLU A 318 13.68 13.46 10.27
C GLU A 318 12.50 12.62 10.78
N GLY A 319 11.30 13.21 10.77
CA GLY A 319 10.07 12.49 11.10
C GLY A 319 9.86 11.32 10.16
N PHE A 320 10.09 11.55 8.86
CA PHE A 320 9.98 10.45 7.91
C PHE A 320 11.03 9.38 8.17
N ARG A 321 12.27 9.78 8.37
CA ARG A 321 13.34 8.83 8.63
C ARG A 321 13.07 7.99 9.87
N HIS A 322 12.43 8.59 10.86
CA HIS A 322 12.24 7.95 12.14
C HIS A 322 11.46 6.64 12.00
N TYR A 323 10.47 6.66 11.11
CA TYR A 323 9.63 5.48 10.86
C TYR A 323 9.95 4.72 9.57
N ALA A 324 11.05 5.08 8.90
CA ALA A 324 11.43 4.48 7.63
C ALA A 324 11.99 3.07 7.80
N TYR A 325 12.63 2.82 8.94
CA TYR A 325 13.26 1.51 9.21
C TYR A 325 14.20 1.13 8.08
N SER A 326 14.97 2.12 7.63
CA SER A 326 15.85 1.99 6.47
C SER A 326 16.99 2.99 6.62
N GLY A 327 18.19 2.59 6.20
CA GLY A 327 19.34 3.49 6.22
C GLY A 327 19.28 4.46 5.06
N GLU A 328 18.82 3.98 3.91
CA GLU A 328 18.70 4.81 2.70
C GLU A 328 17.28 5.39 2.59
N ILE A 329 17.20 6.69 2.33
CA ILE A 329 15.92 7.36 2.13
C ILE A 329 15.71 7.78 0.66
N ASP A 330 16.63 8.56 0.12
CA ASP A 330 16.48 9.06 -1.25
C ASP A 330 16.98 7.97 -2.20
N ILE A 331 16.15 6.96 -2.41
CA ILE A 331 16.54 5.78 -3.20
C ILE A 331 16.11 5.93 -4.65
N THR A 332 17.08 5.93 -5.56
CA THR A 332 16.84 5.88 -7.00
C THR A 332 17.69 4.85 -7.77
N ASP A 333 18.62 4.18 -7.10
CA ASP A 333 19.55 3.22 -7.74
C ASP A 333 18.76 2.04 -8.32
N PRO A 334 18.97 1.71 -9.63
CA PRO A 334 18.28 0.55 -10.20
C PRO A 334 18.75 -0.78 -9.58
N GLY A 335 19.87 -0.77 -8.87
CA GLY A 335 20.37 -1.93 -8.15
C GLY A 335 19.58 -2.34 -6.91
N TYR A 336 18.60 -1.51 -6.53
CA TYR A 336 17.74 -1.78 -5.36
C TYR A 336 17.42 -3.25 -5.24
N ASP A 337 17.70 -3.83 -4.07
CA ASP A 337 17.61 -5.29 -3.89
C ASP A 337 17.10 -5.71 -2.50
N GLN A 338 16.41 -4.81 -1.77
CA GLN A 338 15.94 -5.17 -0.43
C GLN A 338 14.88 -6.28 -0.57
N SER A 339 14.98 -7.30 0.29
CA SER A 339 14.04 -8.41 0.20
C SER A 339 13.91 -9.15 1.53
N GLU A 340 12.75 -9.77 1.74
CA GLU A 340 12.47 -10.55 2.95
C GLU A 340 11.70 -11.77 2.54
N THR A 341 11.60 -12.74 3.45
CA THR A 341 10.87 -13.98 3.19
C THR A 341 9.71 -14.02 4.16
N PHE A 342 8.48 -14.03 3.67
CA PHE A 342 7.35 -13.88 4.56
C PHE A 342 6.02 -14.31 3.97
N TYR A 343 5.01 -14.39 4.86
CA TYR A 343 3.60 -14.40 4.49
C TYR A 343 2.93 -13.24 5.23
N SER A 344 1.93 -12.64 4.60
CA SER A 344 1.21 -11.52 5.19
C SER A 344 -0.26 -11.57 4.86
N LYS A 345 -1.06 -11.06 5.78
CA LYS A 345 -2.49 -10.86 5.55
C LYS A 345 -2.84 -9.45 5.97
N SER A 346 -4.03 -9.02 5.59
CA SER A 346 -4.56 -7.73 5.97
C SER A 346 -6.01 -7.86 6.38
N LEU A 347 -6.52 -6.76 6.96
CA LEU A 347 -7.92 -6.62 7.26
C LEU A 347 -8.25 -5.13 7.33
N VAL A 348 -9.53 -4.84 7.10
CA VAL A 348 -10.16 -3.57 7.47
C VAL A 348 -11.36 -3.99 8.28
N THR A 349 -11.53 -3.43 9.49
CA THR A 349 -12.72 -3.73 10.28
C THR A 349 -13.37 -2.49 10.85
N SER A 350 -14.61 -2.68 11.28
CA SER A 350 -15.30 -1.76 12.17
C SER A 350 -14.67 -1.89 13.56
N ALA A 351 -15.31 -1.24 14.52
CA ALA A 351 -15.06 -1.58 15.93
C ALA A 351 -15.44 -3.05 16.12
N LEU A 352 -14.81 -3.70 17.06
CA LEU A 352 -14.98 -5.14 17.22
C LEU A 352 -15.88 -5.41 18.43
N PRO A 353 -16.87 -6.29 18.27
CA PRO A 353 -17.62 -6.69 19.45
C PRO A 353 -16.72 -7.43 20.46
N PRO A 354 -17.03 -7.33 21.77
CA PRO A 354 -16.14 -7.96 22.74
C PRO A 354 -15.95 -9.48 22.54
N ASP A 355 -16.92 -10.19 21.98
CA ASP A 355 -16.74 -11.63 21.70
C ASP A 355 -15.59 -11.82 20.70
N VAL A 356 -15.50 -10.93 19.72
CA VAL A 356 -14.41 -10.96 18.76
C VAL A 356 -13.12 -10.50 19.45
N LEU A 357 -13.18 -9.43 20.26
CA LEU A 357 -11.98 -9.00 20.98
C LEU A 357 -11.39 -10.16 21.78
N GLU A 358 -12.28 -10.92 22.40
CA GLU A 358 -11.85 -12.04 23.24
C GLU A 358 -11.16 -13.11 22.40
N ARG A 359 -11.77 -13.45 21.27
CA ARG A 359 -11.17 -14.47 20.39
C ARG A 359 -9.83 -14.03 19.81
N VAL A 360 -9.76 -12.77 19.40
CA VAL A 360 -8.54 -12.20 18.85
C VAL A 360 -7.44 -12.15 19.91
N ALA A 361 -7.82 -11.76 21.13
CA ALA A 361 -6.88 -11.69 22.26
C ALA A 361 -6.35 -13.07 22.66
N GLU A 362 -7.23 -14.06 22.71
CA GLU A 362 -6.84 -15.41 23.05
C GLU A 362 -5.88 -15.96 22.00
N TYR A 363 -6.19 -15.71 20.73
CA TYR A 363 -5.27 -16.12 19.67
C TYR A 363 -3.89 -15.45 19.85
N TRP A 364 -3.91 -14.15 20.12
CA TRP A 364 -2.67 -13.37 20.28
C TRP A 364 -1.81 -14.02 21.37
N ILE A 365 -2.43 -14.23 22.52
CA ILE A 365 -1.71 -14.64 23.71
C ILE A 365 -1.33 -16.10 23.66
N GLU A 366 -2.28 -16.96 23.26
CA GLU A 366 -2.08 -18.42 23.34
C GLU A 366 -1.45 -18.99 22.11
N THR A 367 -1.63 -18.33 20.97
CA THR A 367 -1.06 -18.85 19.72
C THR A 367 0.07 -17.96 19.18
N ALA A 368 -0.25 -16.71 18.83
CA ALA A 368 0.77 -15.84 18.18
C ALA A 368 2.02 -15.70 19.04
N ASN A 369 1.86 -15.44 20.35
CA ASN A 369 3.04 -15.27 21.23
C ASN A 369 3.95 -16.48 21.26
N LYS A 370 3.45 -17.65 20.88
CA LYS A 370 4.24 -18.87 20.92
C LYS A 370 4.79 -19.31 19.57
N VAL A 371 4.43 -18.61 18.48
CA VAL A 371 4.96 -18.90 17.15
C VAL A 371 6.46 -18.58 17.11
N ARG A 372 7.26 -19.51 16.65
CA ARG A 372 8.70 -19.41 16.73
C ARG A 372 9.31 -18.76 15.48
N ARG A 373 8.63 -17.74 14.97
CA ARG A 373 9.08 -16.95 13.83
C ARG A 373 8.82 -15.50 14.16
N SER A 374 9.55 -14.61 13.51
CA SER A 374 9.30 -13.20 13.61
C SER A 374 7.93 -12.89 13.03
N TRP A 375 7.07 -12.25 13.79
CA TRP A 375 5.80 -11.79 13.26
C TRP A 375 5.51 -10.47 13.90
N TYR A 376 4.65 -9.69 13.24
CA TYR A 376 4.07 -8.51 13.88
C TYR A 376 2.66 -8.28 13.40
N ILE A 377 1.93 -7.51 14.19
CA ILE A 377 0.61 -7.02 13.81
C ILE A 377 0.60 -5.49 13.95
N ILE A 378 0.10 -4.80 12.94
CA ILE A 378 -0.13 -3.36 13.03
C ILE A 378 -1.62 -3.12 12.96
N ILE A 379 -2.13 -2.33 13.90
CA ILE A 379 -3.52 -1.91 13.86
C ILE A 379 -3.46 -0.40 13.74
N ASP A 380 -3.76 0.10 12.53
CA ASP A 380 -3.71 1.55 12.31
C ASP A 380 -4.96 2.21 12.88
N MET A 381 -4.82 3.36 13.53
CA MET A 381 -5.99 4.18 13.91
C MET A 381 -6.42 4.88 12.62
N TYR A 382 -7.40 4.29 11.95
CA TYR A 382 -7.64 4.59 10.54
C TYR A 382 -8.82 5.53 10.30
N GLY A 383 -9.93 5.26 10.99
CA GLY A 383 -11.19 5.95 10.76
C GLY A 383 -11.63 6.81 11.94
N GLY A 384 -12.94 6.90 12.16
CA GLY A 384 -13.49 7.76 13.19
C GLY A 384 -13.76 9.17 12.69
N PRO A 385 -14.39 10.01 13.53
CA PRO A 385 -14.91 11.34 13.10
C PRO A 385 -13.89 12.34 12.57
N ASN A 386 -12.63 12.21 12.99
CA ASN A 386 -11.60 13.17 12.59
C ASN A 386 -10.66 12.73 11.50
N SER A 387 -10.84 11.52 10.99
CA SER A 387 -9.94 10.98 9.98
C SER A 387 -10.19 11.56 8.58
N ALA A 388 -9.11 12.04 7.96
CA ALA A 388 -9.14 12.51 6.57
C ALA A 388 -9.39 11.37 5.57
N VAL A 389 -8.97 10.16 5.94
CA VAL A 389 -9.19 9.00 5.08
C VAL A 389 -10.68 8.78 4.86
N THR A 390 -11.43 8.81 5.94
CA THR A 390 -12.84 8.45 5.88
C THR A 390 -13.75 9.70 5.76
N ARG A 391 -13.15 10.85 5.49
CA ARG A 391 -13.90 12.02 5.07
C ARG A 391 -14.09 12.05 3.55
N VAL A 392 -13.33 11.25 2.81
CA VAL A 392 -13.50 11.17 1.37
C VAL A 392 -14.86 10.52 1.10
N PRO A 393 -15.69 11.15 0.24
CA PRO A 393 -17.04 10.60 0.03
C PRO A 393 -17.06 9.23 -0.66
N PRO A 394 -18.11 8.43 -0.40
CA PRO A 394 -18.24 7.05 -0.88
C PRO A 394 -18.16 6.86 -2.39
N GLY A 395 -18.49 7.88 -3.18
CA GLY A 395 -18.42 7.77 -4.64
C GLY A 395 -17.15 8.29 -5.31
N ALA A 396 -16.17 8.74 -4.52
CA ALA A 396 -15.02 9.47 -5.06
C ALA A 396 -14.03 8.62 -5.86
N GLY A 397 -13.93 7.34 -5.50
CA GLY A 397 -12.92 6.46 -6.07
C GLY A 397 -13.26 5.01 -5.79
N SER A 398 -12.61 4.10 -6.52
CA SER A 398 -12.87 2.67 -6.34
C SER A 398 -12.38 2.15 -4.99
N TYR A 399 -11.38 2.80 -4.39
CA TYR A 399 -10.91 2.40 -3.07
C TYR A 399 -12.14 2.28 -2.13
N ALA A 400 -12.31 1.12 -1.48
CA ALA A 400 -13.61 0.75 -0.90
C ALA A 400 -13.88 1.21 0.50
N PHE A 401 -12.86 1.64 1.24
CA PHE A 401 -12.94 1.73 2.69
C PHE A 401 -12.91 3.16 3.21
N ARG A 402 -14.04 3.83 3.03
CA ARG A 402 -14.22 5.25 3.32
C ARG A 402 -15.23 5.62 4.42
N ASP A 403 -15.95 4.64 4.97
CA ASP A 403 -16.92 4.90 6.01
C ASP A 403 -16.28 5.21 7.38
N PRO A 404 -16.58 6.39 7.95
CA PRO A 404 -15.86 6.76 9.17
C PRO A 404 -16.21 5.93 10.42
N GLU A 405 -17.34 5.22 10.42
CA GLU A 405 -17.66 4.29 11.53
C GLU A 405 -17.35 2.81 11.20
N ARG A 406 -17.70 2.38 9.99
CA ARG A 406 -17.57 0.99 9.58
C ARG A 406 -16.12 0.61 9.21
N HIS A 407 -15.36 1.60 8.75
CA HIS A 407 -13.95 1.40 8.44
C HIS A 407 -13.08 2.15 9.43
N LEU A 408 -12.89 1.49 10.57
CA LEU A 408 -12.28 2.09 11.74
C LEU A 408 -10.82 1.73 11.88
N PHE A 409 -10.50 0.46 11.60
CA PHE A 409 -9.14 -0.03 11.73
C PHE A 409 -8.66 -0.70 10.44
N LEU A 410 -7.38 -0.52 10.15
CA LEU A 410 -6.67 -1.17 9.07
C LEU A 410 -5.55 -1.97 9.71
N TYR A 411 -5.38 -3.20 9.24
CA TYR A 411 -4.44 -4.11 9.82
C TYR A 411 -3.44 -4.65 8.82
N GLU A 412 -2.19 -4.79 9.28
CA GLU A 412 -1.20 -5.60 8.62
C GLU A 412 -0.78 -6.72 9.58
N LEU A 413 -0.86 -7.97 9.10
CA LEU A 413 -0.35 -9.13 9.83
C LEU A 413 0.80 -9.70 9.03
N TYR A 414 1.96 -9.86 9.65
CA TYR A 414 3.19 -10.15 8.93
C TYR A 414 3.92 -11.28 9.63
N ASP A 415 4.36 -12.26 8.86
CA ASP A 415 4.96 -13.50 9.41
C ASP A 415 6.21 -13.78 8.62
N ARG A 416 7.38 -13.52 9.20
CA ARG A 416 8.63 -13.46 8.46
C ARG A 416 9.57 -14.57 8.93
N SER A 417 10.16 -15.26 7.97
CA SER A 417 11.14 -16.30 8.28
C SER A 417 12.49 -15.85 7.79
N PHE A 418 13.55 -16.26 8.51
CA PHE A 418 14.90 -15.95 8.08
C PHE A 418 15.46 -17.10 7.21
N GLY A 419 15.12 -18.32 7.51
CA GLY A 419 15.25 -19.37 6.48
C GLY A 419 14.06 -19.46 5.51
N PRO A 420 13.93 -20.61 4.86
CA PRO A 420 12.78 -20.82 3.98
C PRO A 420 11.50 -20.71 4.78
N TYR A 421 10.47 -20.15 4.17
CA TYR A 421 9.17 -20.05 4.84
C TYR A 421 8.55 -21.46 4.95
N PRO A 422 8.17 -21.86 6.19
CA PRO A 422 7.60 -23.20 6.37
C PRO A 422 6.22 -23.36 5.71
N ASP A 423 6.01 -24.48 5.04
CA ASP A 423 4.80 -24.64 4.24
C ASP A 423 3.52 -24.83 5.04
N ASP A 424 3.67 -25.12 6.33
CA ASP A 424 2.57 -25.15 7.28
C ASP A 424 2.33 -23.78 7.97
N GLY A 425 3.14 -22.79 7.61
CA GLY A 425 3.12 -21.52 8.32
C GLY A 425 1.87 -20.70 8.13
N PHE A 426 1.23 -20.84 6.97
CA PHE A 426 0.11 -19.98 6.58
C PHE A 426 -1.04 -20.09 7.58
N ALA A 427 -1.21 -21.26 8.17
CA ALA A 427 -2.26 -21.48 9.18
C ALA A 427 -2.23 -20.49 10.34
N PHE A 428 -1.06 -19.96 10.66
CA PHE A 428 -0.94 -19.03 11.78
C PHE A 428 -1.75 -17.74 11.50
N LEU A 429 -1.38 -16.97 10.47
CA LEU A 429 -2.16 -15.76 10.17
C LEU A 429 -3.58 -16.08 9.72
N ASP A 430 -3.76 -17.21 9.04
CA ASP A 430 -5.10 -17.58 8.60
C ASP A 430 -6.05 -17.74 9.79
N GLY A 431 -5.55 -18.41 10.83
CA GLY A 431 -6.30 -18.61 12.06
C GLY A 431 -6.59 -17.30 12.77
N TRP A 432 -5.62 -16.40 12.76
CA TRP A 432 -5.80 -15.12 13.41
C TRP A 432 -6.90 -14.33 12.70
N VAL A 433 -6.85 -14.30 11.37
CA VAL A 433 -7.86 -13.57 10.61
C VAL A 433 -9.25 -14.17 10.82
N HIS A 434 -9.34 -15.49 10.93
CA HIS A 434 -10.60 -16.15 11.26
C HIS A 434 -11.18 -15.72 12.61
N ALA A 435 -10.33 -15.48 13.59
CA ALA A 435 -10.78 -14.97 14.89
C ALA A 435 -11.52 -13.63 14.77
N PHE A 436 -11.16 -12.81 13.77
CA PHE A 436 -11.92 -11.59 13.48
C PHE A 436 -13.19 -11.88 12.64
N THR A 437 -13.02 -12.56 11.52
CA THR A 437 -14.09 -12.64 10.51
C THR A 437 -15.23 -13.59 10.93
N GLY A 438 -14.95 -14.48 11.86
CA GLY A 438 -15.98 -15.37 12.39
C GLY A 438 -17.09 -14.62 13.10
N GLY A 439 -16.78 -13.44 13.64
CA GLY A 439 -17.76 -12.64 14.38
C GLY A 439 -18.18 -11.33 13.76
N LEU A 440 -17.87 -11.13 12.47
CA LEU A 440 -18.23 -9.91 11.73
C LEU A 440 -18.95 -10.29 10.44
N ASP A 441 -20.07 -9.62 10.15
CA ASP A 441 -20.73 -9.79 8.86
C ASP A 441 -19.75 -9.30 7.77
N SER A 442 -19.93 -9.82 6.55
CA SER A 442 -19.06 -9.42 5.44
C SER A 442 -19.18 -7.93 5.07
N SER A 443 -20.26 -7.26 5.48
CA SER A 443 -20.34 -5.81 5.36
C SER A 443 -19.46 -5.03 6.36
N ASP A 444 -18.91 -5.72 7.36
CA ASP A 444 -18.08 -5.05 8.36
C ASP A 444 -16.60 -5.41 8.32
N TRP A 445 -16.15 -6.08 7.26
CA TRP A 445 -14.73 -6.25 7.06
C TRP A 445 -14.37 -6.37 5.60
N GLY A 446 -13.12 -6.04 5.34
CA GLY A 446 -12.54 -6.18 4.01
C GLY A 446 -11.06 -6.45 4.15
N MET A 447 -10.37 -6.45 3.02
CA MET A 447 -8.93 -6.60 2.97
C MET A 447 -8.33 -5.58 2.01
N TYR A 448 -7.02 -5.41 2.12
CA TYR A 448 -6.29 -4.29 1.53
C TYR A 448 -5.17 -4.80 0.65
N ILE A 449 -5.29 -4.59 -0.66
CA ILE A 449 -4.39 -5.19 -1.63
C ILE A 449 -2.96 -4.62 -1.59
N ASN A 450 -2.75 -3.46 -0.95
CA ASN A 450 -1.40 -3.07 -0.70
C ASN A 450 -0.64 -4.01 0.26
N TYR A 451 -1.35 -4.86 0.99
CA TYR A 451 -0.72 -6.02 1.66
C TYR A 451 -1.29 -7.29 1.00
N ALA A 452 -0.93 -7.47 -0.26
CA ALA A 452 -1.51 -8.47 -1.11
C ALA A 452 -1.29 -9.86 -0.54
N ASP A 453 -2.38 -10.63 -0.50
CA ASP A 453 -2.39 -11.94 0.18
C ASP A 453 -2.71 -13.00 -0.87
N PRO A 454 -1.67 -13.68 -1.40
CA PRO A 454 -1.89 -14.64 -2.47
C PRO A 454 -2.51 -15.97 -1.99
N GLY A 455 -2.78 -16.09 -0.70
CA GLY A 455 -3.54 -17.21 -0.17
C GLY A 455 -5.01 -17.15 -0.55
N LEU A 456 -5.51 -15.97 -0.92
CA LEU A 456 -6.91 -15.82 -1.33
C LEU A 456 -7.05 -16.24 -2.77
N ASP A 457 -8.13 -16.97 -3.08
CA ASP A 457 -8.44 -17.31 -4.47
C ASP A 457 -8.95 -16.05 -5.20
N ARG A 458 -9.00 -16.11 -6.53
CA ARG A 458 -9.27 -14.93 -7.30
C ARG A 458 -10.65 -14.32 -7.01
N ALA A 459 -11.67 -15.15 -6.92
CA ALA A 459 -13.01 -14.65 -6.63
C ALA A 459 -13.09 -14.01 -5.24
N GLU A 460 -12.50 -14.66 -4.24
CA GLU A 460 -12.50 -14.11 -2.89
C GLU A 460 -11.71 -12.81 -2.85
N ALA A 461 -10.53 -12.79 -3.49
CA ALA A 461 -9.69 -11.60 -3.47
C ALA A 461 -10.40 -10.34 -3.98
N GLN A 462 -11.02 -10.46 -5.15
CA GLN A 462 -11.76 -9.31 -5.69
C GLN A 462 -12.85 -8.79 -4.73
N GLU A 463 -13.57 -9.71 -4.11
CA GLU A 463 -14.67 -9.35 -3.21
C GLU A 463 -14.16 -8.65 -1.97
N VAL A 464 -13.15 -9.23 -1.33
CA VAL A 464 -12.64 -8.65 -0.06
C VAL A 464 -11.85 -7.37 -0.28
N TYR A 465 -11.15 -7.26 -1.40
CA TYR A 465 -10.37 -6.04 -1.65
C TYR A 465 -11.20 -4.84 -2.06
N TYR A 466 -12.29 -5.08 -2.81
CA TYR A 466 -13.08 -4.01 -3.42
C TYR A 466 -14.53 -3.93 -2.96
N ARG A 467 -15.05 -5.00 -2.35
CA ARG A 467 -16.37 -5.01 -1.72
C ARG A 467 -17.45 -4.39 -2.63
N GLN A 468 -18.14 -3.36 -2.14
CA GLN A 468 -19.26 -2.77 -2.84
C GLN A 468 -18.87 -2.16 -4.21
N ASN A 469 -17.59 -1.90 -4.44
CA ASN A 469 -17.16 -1.29 -5.71
C ASN A 469 -16.76 -2.29 -6.81
N LEU A 470 -16.87 -3.59 -6.51
CA LEU A 470 -16.42 -4.60 -7.46
C LEU A 470 -17.22 -4.60 -8.74
N ASP A 471 -18.55 -4.56 -8.64
CA ASP A 471 -19.37 -4.66 -9.84
C ASP A 471 -19.03 -3.56 -10.87
N ARG A 472 -18.88 -2.33 -10.43
CA ARG A 472 -18.53 -1.24 -11.33
C ARG A 472 -17.09 -1.42 -11.84
N LEU A 473 -16.20 -1.88 -10.97
CA LEU A 473 -14.84 -2.22 -11.44
C LEU A 473 -14.86 -3.25 -12.57
N ARG A 474 -15.70 -4.27 -12.45
CA ARG A 474 -15.79 -5.32 -13.46
C ARG A 474 -16.31 -4.76 -14.79
N ARG A 475 -17.29 -3.86 -14.71
CA ARG A 475 -17.82 -3.23 -15.91
C ARG A 475 -16.76 -2.39 -16.63
N ILE A 476 -16.02 -1.58 -15.86
CA ILE A 476 -14.95 -0.76 -16.47
C ILE A 476 -13.84 -1.64 -17.02
N LYS A 477 -13.56 -2.74 -16.35
CA LYS A 477 -12.55 -3.67 -16.85
C LYS A 477 -12.89 -4.26 -18.22
N GLN A 478 -14.14 -4.65 -18.41
CA GLN A 478 -14.58 -5.15 -19.71
C GLN A 478 -14.45 -4.06 -20.78
N GLN A 479 -14.71 -2.82 -20.42
CA GLN A 479 -14.59 -1.73 -21.39
C GLN A 479 -13.16 -1.42 -21.75
N LEU A 480 -12.24 -1.50 -20.78
CA LEU A 480 -10.86 -1.03 -20.99
C LEU A 480 -9.82 -2.11 -21.26
N ASP A 481 -10.03 -3.30 -20.73
CA ASP A 481 -9.07 -4.40 -20.96
C ASP A 481 -9.83 -5.70 -21.05
N PRO A 482 -10.69 -5.81 -22.08
CA PRO A 482 -11.51 -6.99 -22.23
C PRO A 482 -10.71 -8.28 -22.39
N THR A 483 -9.52 -8.23 -23.00
CA THR A 483 -8.72 -9.45 -23.15
C THR A 483 -7.87 -9.77 -21.91
N GLU A 484 -7.93 -8.94 -20.88
CA GLU A 484 -7.11 -9.12 -19.67
C GLU A 484 -5.62 -9.18 -19.96
N LEU A 485 -5.15 -8.26 -20.79
CA LEU A 485 -3.75 -8.16 -21.04
C LEU A 485 -2.95 -7.96 -19.75
N PHE A 486 -3.50 -7.21 -18.79
CA PHE A 486 -2.81 -6.92 -17.52
C PHE A 486 -3.13 -7.93 -16.44
N TYR A 487 -3.48 -9.15 -16.85
CA TYR A 487 -3.80 -10.22 -15.94
C TYR A 487 -2.74 -10.45 -14.84
N TYR A 488 -3.26 -10.68 -13.63
CA TYR A 488 -2.52 -11.36 -12.58
C TYR A 488 -3.54 -12.14 -11.75
N PRO A 489 -3.07 -13.04 -10.85
CA PRO A 489 -4.08 -13.98 -10.34
C PRO A 489 -5.14 -13.41 -9.40
N GLN A 490 -5.01 -12.16 -8.96
CA GLN A 490 -6.08 -11.49 -8.21
C GLN A 490 -6.56 -10.24 -8.91
N ALA A 491 -6.46 -10.24 -10.25
CA ALA A 491 -6.96 -9.15 -11.06
C ALA A 491 -8.47 -9.17 -11.07
N VAL A 492 -9.03 -7.99 -11.25
CA VAL A 492 -10.46 -7.87 -11.47
C VAL A 492 -10.85 -8.59 -12.76
N GLU A 493 -11.92 -9.37 -12.70
CA GLU A 493 -12.43 -10.06 -13.88
C GLU A 493 -13.34 -9.13 -14.68
N PRO A 494 -13.21 -9.12 -16.01
CA PRO A 494 -14.15 -8.32 -16.75
C PRO A 494 -15.57 -8.82 -16.52
N ALA A 495 -16.53 -7.91 -16.51
CA ALA A 495 -17.91 -8.30 -16.42
C ALA A 495 -18.25 -9.08 -17.69
N GLU A 496 -19.18 -10.02 -17.55
CA GLU A 496 -19.71 -10.74 -18.70
C GLU A 496 -20.76 -9.87 -19.39
N VAL A 497 -20.71 -9.80 -20.72
CA VAL A 497 -21.74 -9.07 -21.46
C VAL A 497 -22.31 -9.95 -22.56
#